data_8VSM
#
_entry.id   8VSM
#
_cell.length_a   82.357
_cell.length_b   112.784
_cell.length_c   63.163
_cell.angle_alpha   90.00
_cell.angle_beta   90.00
_cell.angle_gamma   90.00
#
_symmetry.space_group_name_H-M   'C 2 2 21'
#
loop_
_entity.id
_entity.type
_entity.pdbx_description
1 polymer '14-3-3 protein sigma'
2 polymer 'Serine/threonine-protein kinase A-Raf phosphopeptide'
3 non-polymer 'CHLORIDE ION'
4 non-polymer 'MAGNESIUM ION'
5 non-polymer 1-[8-(4-bromophenyl)sulfonyl-5-oxa-2,8-diazaspiro[3.5]nonan-2-yl]-2-chloranyl-ethanone
6 water water
#
loop_
_entity_poly.entity_id
_entity_poly.type
_entity_poly.pdbx_seq_one_letter_code
_entity_poly.pdbx_strand_id
1 'polypeptide(L)'
;GAMGSMERASLIQKAKLAEQAERYEDMAAFMKGAVEKGEELSCEERNLLSVAYKNVVGGQRAAWRVLSSIEQKSNEEGSE
EKGPEVREYREKVETELQGVCDTVLGLLDSHLIKEAGDAESRVFYLKMKGDYYRYLAEVATGDDKKRIIDSARSAYQEAM
DISKKEMPPTNPIRLGLALNFSVFHYEIANSPEEAISLAKTTFDEAMADLHTLSEDSYKDSTLIMQLLRDNLTLWT
;
A
2 'polypeptide(L)' RIRST(SEP)TPNVHM P
#
loop_
_chem_comp.id
_chem_comp.type
_chem_comp.name
_chem_comp.formula
CL non-polymer 'CHLORIDE ION' 'Cl -1'
MG non-polymer 'MAGNESIUM ION' 'Mg 2'
WQN non-polymer 1-[8-(4-bromophenyl)sulfonyl-5-oxa-2,8-diazaspiro[3.5]nonan-2-yl]-2-chloranyl-ethanone 'C14 H16 Br Cl N2 O4 S'
#
# COMPACT_ATOMS: atom_id res chain seq x y z
N GLY A 1 -19.46 10.07 -10.32
CA GLY A 1 -20.25 10.67 -9.23
C GLY A 1 -20.05 12.17 -9.16
N ALA A 2 -19.70 12.66 -7.96
CA ALA A 2 -19.77 14.08 -7.64
C ALA A 2 -18.70 14.85 -8.38
N MET A 3 -17.66 14.16 -8.93
CA MET A 3 -16.61 14.92 -9.61
C MET A 3 -16.76 14.89 -11.13
N GLY A 4 -17.88 14.34 -11.63
CA GLY A 4 -18.09 14.20 -13.05
C GLY A 4 -18.12 15.53 -13.82
N SER A 5 -18.51 16.62 -13.15
CA SER A 5 -18.61 17.90 -13.84
C SER A 5 -17.33 18.71 -13.79
N MET A 6 -16.29 18.26 -13.07
CA MET A 6 -15.06 19.04 -12.97
C MET A 6 -14.05 18.56 -14.03
N GLU A 7 -13.35 19.54 -14.62
CA GLU A 7 -12.26 19.21 -15.56
C GLU A 7 -11.18 18.34 -14.88
N ARG A 8 -10.61 17.43 -15.68
CA ARG A 8 -9.48 16.60 -15.19
C ARG A 8 -8.36 17.50 -14.65
N ALA A 9 -7.97 18.54 -15.42
CA ALA A 9 -6.84 19.34 -14.94
C ALA A 9 -7.18 20.03 -13.60
N SER A 10 -8.45 20.42 -13.43
CA SER A 10 -8.86 21.08 -12.18
C SER A 10 -8.89 20.09 -11.01
N LEU A 11 -9.25 18.83 -11.24
CA LEU A 11 -9.16 17.78 -10.22
C LEU A 11 -7.73 17.56 -9.79
N ILE A 12 -6.79 17.57 -10.72
CA ILE A 12 -5.36 17.36 -10.35
C ILE A 12 -4.87 18.59 -9.57
N GLN A 13 -5.21 19.77 -10.09
CA GLN A 13 -4.81 20.99 -9.37
C GLN A 13 -5.34 20.95 -7.92
N LYS A 14 -6.60 20.58 -7.74
CA LYS A 14 -7.17 20.58 -6.40
C LYS A 14 -6.61 19.46 -5.53
N ALA A 15 -6.27 18.31 -6.11
CA ALA A 15 -5.58 17.26 -5.33
C ALA A 15 -4.26 17.81 -4.77
N LYS A 16 -3.50 18.59 -5.56
CA LYS A 16 -2.25 19.15 -5.06
C LYS A 16 -2.53 20.13 -3.92
N LEU A 17 -3.56 20.99 -4.08
CA LEU A 17 -3.98 21.90 -2.98
C LEU A 17 -4.38 21.14 -1.70
N ALA A 18 -5.15 20.05 -1.84
CA ALA A 18 -5.61 19.28 -0.72
C ALA A 18 -4.40 18.63 -0.02
N GLU A 19 -3.39 18.19 -0.78
CA GLU A 19 -2.15 17.68 -0.17
C GLU A 19 -1.48 18.75 0.71
N GLN A 20 -1.39 19.97 0.18
CA GLN A 20 -0.73 21.06 0.93
C GLN A 20 -1.50 21.36 2.20
N ALA A 21 -2.83 21.27 2.14
CA ALA A 21 -3.72 21.54 3.27
C ALA A 21 -3.89 20.33 4.19
N GLU A 22 -3.24 19.19 3.88
CA GLU A 22 -3.39 17.97 4.66
C GLU A 22 -4.84 17.50 4.74
N ARG A 23 -5.58 17.71 3.65
CA ARG A 23 -6.95 17.27 3.49
C ARG A 23 -6.99 16.02 2.60
N TYR A 24 -6.66 14.87 3.23
CA TYR A 24 -6.41 13.67 2.41
C TYR A 24 -7.67 13.00 1.89
N GLU A 25 -8.77 13.11 2.60
CA GLU A 25 -10.05 12.56 2.09
C GLU A 25 -10.47 13.35 0.83
N ASP A 26 -10.32 14.67 0.88
CA ASP A 26 -10.61 15.46 -0.31
C ASP A 26 -9.66 15.07 -1.44
N MET A 27 -8.35 14.95 -1.13
CA MET A 27 -7.36 14.60 -2.13
C MET A 27 -7.75 13.29 -2.82
N ALA A 28 -8.17 12.29 -2.01
CA ALA A 28 -8.56 11.00 -2.58
C ALA A 28 -9.79 11.16 -3.46
N ALA A 29 -10.79 11.93 -3.02
CA ALA A 29 -11.94 12.08 -3.88
C ALA A 29 -11.61 12.80 -5.20
N PHE A 30 -10.70 13.80 -5.17
CA PHE A 30 -10.28 14.48 -6.40
C PHE A 30 -9.57 13.47 -7.31
N MET A 31 -8.71 12.60 -6.74
CA MET A 31 -7.96 11.69 -7.60
C MET A 31 -8.82 10.54 -8.14
N LYS A 32 -9.81 10.09 -7.35
CA LYS A 32 -10.77 9.11 -7.87
C LYS A 32 -11.52 9.75 -9.05
N GLY A 33 -11.93 11.03 -8.90
CA GLY A 33 -12.54 11.77 -10.00
C GLY A 33 -11.66 11.82 -11.25
N ALA A 34 -10.36 12.10 -11.08
CA ALA A 34 -9.45 12.12 -12.20
C ALA A 34 -9.31 10.75 -12.90
N VAL A 35 -9.19 9.67 -12.10
CA VAL A 35 -9.06 8.35 -12.69
C VAL A 35 -10.32 8.04 -13.51
N GLU A 36 -11.49 8.44 -12.96
CA GLU A 36 -12.74 8.11 -13.66
C GLU A 36 -12.93 8.89 -14.97
N LYS A 37 -12.09 9.86 -15.29
CA LYS A 37 -12.14 10.48 -16.60
C LYS A 37 -11.73 9.50 -17.69
N GLY A 38 -11.01 8.43 -17.31
CA GLY A 38 -10.77 7.37 -18.30
C GLY A 38 -9.39 7.40 -18.94
N GLU A 39 -8.67 8.50 -18.74
CA GLU A 39 -7.33 8.64 -19.33
C GLU A 39 -6.29 7.98 -18.42
N GLU A 40 -5.21 7.50 -19.03
CA GLU A 40 -4.11 6.98 -18.20
C GLU A 40 -3.53 8.09 -17.32
N LEU A 41 -2.85 7.68 -16.24
CA LEU A 41 -2.22 8.66 -15.33
C LEU A 41 -0.72 8.72 -15.59
N SER A 42 -0.14 9.91 -15.49
CA SER A 42 1.31 10.07 -15.53
C SER A 42 1.96 9.65 -14.21
N CYS A 43 3.31 9.64 -14.13
CA CYS A 43 3.95 9.27 -12.89
C CYS A 43 3.54 10.18 -11.74
N GLU A 44 3.55 11.49 -11.95
CA GLU A 44 3.21 12.42 -10.87
C GLU A 44 1.75 12.20 -10.42
N GLU A 45 0.85 11.91 -11.37
CA GLU A 45 -0.55 11.69 -10.99
C GLU A 45 -0.71 10.36 -10.24
N ARG A 46 0.07 9.34 -10.59
CA ARG A 46 0.03 8.08 -9.79
C ARG A 46 0.50 8.37 -8.36
N ASN A 47 1.52 9.23 -8.22
CA ASN A 47 1.94 9.61 -6.88
C ASN A 47 0.81 10.31 -6.10
N LEU A 48 0.05 11.21 -6.76
CA LEU A 48 -0.99 11.88 -6.00
C LEU A 48 -2.05 10.85 -5.55
N LEU A 49 -2.42 9.93 -6.46
CA LEU A 49 -3.38 8.87 -6.11
C LEU A 49 -2.90 8.03 -4.94
N SER A 50 -1.59 7.64 -4.99
CA SER A 50 -1.03 6.78 -3.95
C SER A 50 -0.97 7.53 -2.61
N VAL A 51 -0.51 8.78 -2.61
CA VAL A 51 -0.41 9.52 -1.35
C VAL A 51 -1.80 9.70 -0.72
N ALA A 52 -2.78 10.07 -1.54
CA ALA A 52 -4.09 10.34 -0.96
C ALA A 52 -4.62 9.09 -0.25
N TYR A 53 -4.69 7.97 -0.96
CA TYR A 53 -5.32 6.77 -0.39
C TYR A 53 -4.48 6.16 0.75
N LYS A 54 -3.15 6.29 0.68
CA LYS A 54 -2.32 5.71 1.75
C LYS A 54 -2.58 6.48 3.05
N ASN A 55 -2.73 7.79 2.93
CA ASN A 55 -3.03 8.56 4.13
C ASN A 55 -4.40 8.21 4.69
N VAL A 56 -5.41 8.11 3.81
CA VAL A 56 -6.76 7.77 4.31
C VAL A 56 -6.77 6.39 4.99
N VAL A 57 -6.24 5.37 4.29
CA VAL A 57 -6.31 4.01 4.86
C VAL A 57 -5.36 3.94 6.04
N GLY A 58 -4.27 4.73 6.03
CA GLY A 58 -3.35 4.65 7.16
C GLY A 58 -4.01 5.13 8.46
N GLY A 59 -4.85 6.16 8.37
CA GLY A 59 -5.60 6.60 9.54
C GLY A 59 -6.54 5.48 10.01
N GLN A 60 -7.22 4.84 9.07
CA GLN A 60 -8.20 3.81 9.41
C GLN A 60 -7.49 2.62 10.07
N ARG A 61 -6.31 2.23 9.49
CA ARG A 61 -5.60 1.09 10.06
C ARG A 61 -5.17 1.40 11.50
N ALA A 62 -4.69 2.64 11.73
CA ALA A 62 -4.21 2.99 13.06
C ALA A 62 -5.40 2.94 14.00
N ALA A 63 -6.55 3.46 13.57
CA ALA A 63 -7.73 3.45 14.46
C ALA A 63 -8.18 2.03 14.76
N TRP A 64 -8.21 1.17 13.71
CA TRP A 64 -8.63 -0.21 13.86
C TRP A 64 -7.76 -0.96 14.87
N ARG A 65 -6.46 -0.69 14.82
CA ARG A 65 -5.53 -1.37 15.75
C ARG A 65 -5.79 -0.94 17.21
N VAL A 66 -6.05 0.34 17.42
CA VAL A 66 -6.35 0.79 18.78
C VAL A 66 -7.60 0.08 19.28
N LEU A 67 -8.65 0.05 18.45
CA LEU A 67 -9.91 -0.58 18.86
C LEU A 67 -9.81 -2.09 19.01
N SER A 68 -9.08 -2.75 18.12
CA SER A 68 -8.88 -4.21 18.24
C SER A 68 -8.15 -4.55 19.55
N SER A 69 -7.17 -3.75 19.94
CA SER A 69 -6.44 -4.00 21.20
C SER A 69 -7.38 -3.88 22.39
N ILE A 70 -8.25 -2.89 22.34
CA ILE A 70 -9.19 -2.71 23.46
C ILE A 70 -10.14 -3.90 23.50
N GLU A 71 -10.63 -4.32 22.33
CA GLU A 71 -11.56 -5.43 22.24
C GLU A 71 -10.90 -6.72 22.78
N GLN A 72 -9.65 -6.93 22.42
CA GLN A 72 -8.95 -8.18 22.84
C GLN A 72 -8.82 -8.15 24.37
N LYS A 73 -8.48 -7.00 24.94
CA LYS A 73 -8.37 -6.87 26.39
C LYS A 73 -9.70 -7.16 27.07
N SER A 74 -10.81 -6.76 26.43
CA SER A 74 -12.15 -6.99 26.96
C SER A 74 -12.45 -8.49 27.06
N ASN A 75 -11.97 -9.28 26.10
CA ASN A 75 -12.35 -10.68 26.04
C ASN A 75 -11.39 -11.56 26.84
N GLU A 76 -10.66 -10.98 27.78
CA GLU A 76 -9.79 -11.85 28.61
C GLU A 76 -10.46 -12.11 29.97
N GLU A 77 -10.02 -13.17 30.65
CA GLU A 77 -10.58 -13.48 31.99
C GLU A 77 -10.23 -12.34 32.94
N GLY A 78 -11.16 -12.00 33.83
CA GLY A 78 -10.91 -10.92 34.79
C GLY A 78 -11.47 -9.61 34.28
N SER A 79 -11.81 -9.56 32.98
CA SER A 79 -12.30 -8.31 32.37
C SER A 79 -13.82 -8.15 32.59
N GLU A 80 -14.23 -7.07 33.22
CA GLU A 80 -15.68 -6.79 33.45
C GLU A 80 -16.38 -6.65 32.10
N GLU A 81 -17.58 -7.20 31.98
CA GLU A 81 -18.34 -7.12 30.70
C GLU A 81 -18.81 -5.69 30.50
N LYS A 82 -18.64 -5.17 29.29
CA LYS A 82 -18.96 -3.76 29.10
C LYS A 82 -20.05 -3.60 28.05
N GLY A 83 -20.49 -4.71 27.44
CA GLY A 83 -21.54 -4.63 26.44
C GLY A 83 -20.99 -4.72 25.01
N PRO A 84 -21.82 -4.49 23.99
CA PRO A 84 -21.40 -4.67 22.61
C PRO A 84 -20.72 -3.48 21.92
N GLU A 85 -20.52 -2.38 22.65
CA GLU A 85 -20.07 -1.14 22.02
C GLU A 85 -18.66 -1.23 21.43
N VAL A 86 -17.70 -1.85 22.11
CA VAL A 86 -16.33 -1.90 21.57
C VAL A 86 -16.37 -2.68 20.26
N ARG A 87 -17.00 -3.84 20.26
CA ARG A 87 -17.09 -4.64 19.01
C ARG A 87 -17.83 -3.86 17.92
N GLU A 88 -18.94 -3.22 18.27
CA GLU A 88 -19.68 -2.50 17.26
C GLU A 88 -18.82 -1.39 16.61
N TYR A 89 -18.10 -0.64 17.45
CA TYR A 89 -17.35 0.48 16.89
C TYR A 89 -16.14 -0.03 16.07
N ARG A 90 -15.49 -1.10 16.54
CA ARG A 90 -14.40 -1.70 15.73
C ARG A 90 -14.96 -2.16 14.39
N GLU A 91 -16.13 -2.79 14.42
CA GLU A 91 -16.80 -3.18 13.18
C GLU A 91 -17.09 -2.00 12.25
N LYS A 92 -17.50 -0.85 12.81
CA LYS A 92 -17.81 0.34 12.00
C LYS A 92 -16.53 0.79 11.28
N VAL A 93 -15.45 0.91 12.06
CA VAL A 93 -14.18 1.35 11.48
C VAL A 93 -13.68 0.32 10.47
N GLU A 94 -13.79 -0.98 10.80
CA GLU A 94 -13.38 -2.04 9.89
C GLU A 94 -14.13 -1.95 8.55
N THR A 95 -15.46 -1.71 8.62
CA THR A 95 -16.27 -1.67 7.42
C THR A 95 -15.83 -0.49 6.53
N GLU A 96 -15.54 0.64 7.15
CA GLU A 96 -15.09 1.83 6.39
C GLU A 96 -13.72 1.55 5.74
N LEU A 97 -12.84 0.90 6.48
CA LEU A 97 -11.54 0.55 5.91
C LEU A 97 -11.74 -0.37 4.71
N GLN A 98 -12.58 -1.40 4.86
CA GLN A 98 -12.82 -2.34 3.78
C GLN A 98 -13.35 -1.58 2.59
N GLY A 99 -14.20 -0.58 2.84
CA GLY A 99 -14.76 0.20 1.74
C GLY A 99 -13.73 0.99 0.94
N VAL A 100 -12.75 1.57 1.63
CA VAL A 100 -11.68 2.30 0.95
C VAL A 100 -10.83 1.32 0.13
N CYS A 101 -10.53 0.13 0.69
CA CYS A 101 -9.73 -0.83 -0.05
C CYS A 101 -10.49 -1.29 -1.29
N ASP A 102 -11.80 -1.58 -1.14
CA ASP A 102 -12.59 -1.98 -2.31
C ASP A 102 -12.67 -0.85 -3.34
N THR A 103 -12.70 0.43 -2.89
CA THR A 103 -12.70 1.53 -3.86
C THR A 103 -11.39 1.50 -4.67
N VAL A 104 -10.26 1.36 -3.99
CA VAL A 104 -8.98 1.40 -4.72
C VAL A 104 -8.91 0.21 -5.66
N LEU A 105 -9.27 -0.99 -5.13
CA LEU A 105 -9.21 -2.18 -5.97
C LEU A 105 -10.11 -2.03 -7.18
N GLY A 106 -11.24 -1.33 -6.97
CA GLY A 106 -12.14 -1.17 -8.11
C GLY A 106 -11.54 -0.24 -9.18
N LEU A 107 -10.81 0.83 -8.78
CA LEU A 107 -10.18 1.70 -9.77
C LEU A 107 -9.12 0.92 -10.53
N LEU A 108 -8.36 0.06 -9.80
CA LEU A 108 -7.30 -0.67 -10.49
C LEU A 108 -7.90 -1.65 -11.48
N ASP A 109 -9.05 -2.27 -11.12
CA ASP A 109 -9.68 -3.25 -11.99
C ASP A 109 -10.47 -2.57 -13.12
N SER A 110 -10.89 -1.31 -12.92
CA SER A 110 -11.77 -0.61 -13.86
C SER A 110 -11.27 0.81 -14.10
N HIS A 111 -10.18 1.02 -14.88
CA HIS A 111 -9.50 0.07 -15.77
C HIS A 111 -8.01 0.37 -15.79
N LEU A 112 -7.48 0.75 -14.61
CA LEU A 112 -6.08 1.19 -14.64
C LEU A 112 -5.08 0.09 -15.04
N ILE A 113 -5.19 -1.13 -14.48
CA ILE A 113 -4.19 -2.15 -14.74
C ILE A 113 -4.23 -2.59 -16.22
N LYS A 114 -5.45 -2.80 -16.73
CA LYS A 114 -5.53 -3.34 -18.09
C LYS A 114 -4.93 -2.38 -19.13
N GLU A 115 -4.90 -1.08 -18.85
CA GLU A 115 -4.36 -0.13 -19.85
C GLU A 115 -2.88 0.17 -19.58
N ALA A 116 -2.32 -0.37 -18.49
CA ALA A 116 -0.95 -0.05 -18.12
C ALA A 116 0.02 -0.99 -18.85
N GLY A 117 0.82 -0.46 -19.77
CA GLY A 117 1.70 -1.31 -20.59
C GLY A 117 3.19 -1.05 -20.36
N ASP A 118 3.52 0.08 -19.74
CA ASP A 118 4.93 0.33 -19.45
C ASP A 118 5.25 -0.25 -18.09
N ALA A 119 6.51 -0.62 -17.86
CA ALA A 119 6.88 -1.27 -16.61
C ALA A 119 6.59 -0.41 -15.39
N GLU A 120 6.90 0.88 -15.44
CA GLU A 120 6.68 1.70 -14.22
C GLU A 120 5.20 1.71 -13.85
N SER A 121 4.33 1.90 -14.83
CA SER A 121 2.92 1.96 -14.51
C SER A 121 2.39 0.59 -14.06
N ARG A 122 2.71 -0.46 -14.81
CA ARG A 122 2.14 -1.80 -14.49
C ARG A 122 2.66 -2.32 -13.14
N VAL A 123 3.96 -2.15 -12.90
CA VAL A 123 4.49 -2.58 -11.59
C VAL A 123 3.87 -1.75 -10.46
N PHE A 124 3.78 -0.42 -10.60
CA PHE A 124 3.16 0.38 -9.56
C PHE A 124 1.72 -0.13 -9.26
N TYR A 125 0.89 -0.31 -10.31
CA TYR A 125 -0.50 -0.63 -10.04
C TYR A 125 -0.64 -2.03 -9.46
N LEU A 126 0.21 -2.98 -9.89
CA LEU A 126 0.14 -4.31 -9.30
C LEU A 126 0.64 -4.30 -7.84
N LYS A 127 1.67 -3.48 -7.54
CA LYS A 127 2.08 -3.32 -6.14
C LYS A 127 0.91 -2.78 -5.33
N MET A 128 0.18 -1.78 -5.90
CA MET A 128 -0.93 -1.15 -5.18
C MET A 128 -2.00 -2.20 -4.90
N LYS A 129 -2.29 -3.03 -5.93
CA LYS A 129 -3.25 -4.11 -5.74
C LYS A 129 -2.84 -5.03 -4.59
N GLY A 130 -1.55 -5.45 -4.58
CA GLY A 130 -1.08 -6.26 -3.45
C GLY A 130 -1.25 -5.57 -2.08
N ASP A 131 -0.90 -4.25 -2.04
CA ASP A 131 -0.98 -3.52 -0.79
C ASP A 131 -2.43 -3.50 -0.25
N TYR A 132 -3.40 -3.21 -1.15
CA TYR A 132 -4.78 -3.06 -0.63
C TYR A 132 -5.40 -4.42 -0.29
N TYR A 133 -4.99 -5.51 -1.00
CA TYR A 133 -5.39 -6.82 -0.49
C TYR A 133 -4.72 -7.12 0.85
N ARG A 134 -3.46 -6.65 1.03
CA ARG A 134 -2.79 -6.85 2.30
C ARG A 134 -3.55 -6.16 3.45
N TYR A 135 -4.06 -4.98 3.17
CA TYR A 135 -4.81 -4.25 4.22
C TYR A 135 -6.11 -5.00 4.51
N LEU A 136 -6.74 -5.53 3.46
CA LEU A 136 -7.93 -6.36 3.75
C LEU A 136 -7.54 -7.59 4.59
N ALA A 137 -6.37 -8.19 4.29
CA ALA A 137 -5.96 -9.39 5.04
C ALA A 137 -5.74 -9.07 6.52
N GLU A 138 -5.27 -7.85 6.83
CA GLU A 138 -4.94 -7.48 8.19
C GLU A 138 -6.20 -7.61 9.07
N VAL A 139 -7.38 -7.42 8.51
CA VAL A 139 -8.63 -7.39 9.30
C VAL A 139 -9.49 -8.62 9.03
N ALA A 140 -9.03 -9.52 8.15
CA ALA A 140 -9.84 -10.66 7.77
C ALA A 140 -9.72 -11.79 8.80
N THR A 141 -10.86 -12.46 9.04
CA THR A 141 -10.91 -13.50 10.06
C THR A 141 -11.81 -14.65 9.64
N GLY A 142 -12.52 -14.50 8.50
CA GLY A 142 -13.55 -15.44 8.08
C GLY A 142 -13.05 -16.50 7.11
N ASP A 143 -13.99 -17.06 6.33
CA ASP A 143 -13.71 -18.10 5.33
C ASP A 143 -13.00 -17.55 4.09
N ASP A 144 -12.79 -16.24 4.01
CA ASP A 144 -12.14 -15.70 2.82
C ASP A 144 -10.75 -15.15 3.14
N LYS A 145 -10.27 -15.33 4.36
CA LYS A 145 -8.96 -14.86 4.74
C LYS A 145 -7.90 -15.50 3.82
N LYS A 146 -8.02 -16.78 3.54
CA LYS A 146 -6.99 -17.45 2.71
C LYS A 146 -7.04 -16.89 1.29
N ARG A 147 -8.24 -16.66 0.74
CA ARG A 147 -8.33 -16.20 -0.64
C ARG A 147 -7.83 -14.75 -0.71
N ILE A 148 -8.07 -13.94 0.35
CA ILE A 148 -7.59 -12.56 0.34
C ILE A 148 -6.05 -12.57 0.36
N ILE A 149 -5.47 -13.43 1.22
CA ILE A 149 -4.01 -13.53 1.29
C ILE A 149 -3.48 -13.98 -0.07
N ASP A 150 -4.16 -14.94 -0.71
CA ASP A 150 -3.65 -15.40 -1.99
C ASP A 150 -3.73 -14.32 -3.08
N SER A 151 -4.80 -13.48 -2.99
CA SER A 151 -4.92 -12.36 -3.92
C SER A 151 -3.76 -11.38 -3.78
N ALA A 152 -3.43 -11.04 -2.52
CA ALA A 152 -2.28 -10.16 -2.35
C ALA A 152 -1.02 -10.80 -2.94
N ARG A 153 -0.76 -12.05 -2.57
CA ARG A 153 0.46 -12.75 -3.06
C ARG A 153 0.54 -12.73 -4.59
N SER A 154 -0.57 -13.05 -5.24
CA SER A 154 -0.58 -13.13 -6.72
C SER A 154 -0.25 -11.77 -7.34
N ALA A 155 -0.85 -10.71 -6.79
CA ALA A 155 -0.53 -9.41 -7.34
C ALA A 155 0.96 -9.05 -7.15
N TYR A 156 1.46 -9.23 -5.92
CA TYR A 156 2.86 -8.93 -5.68
C TYR A 156 3.78 -9.77 -6.58
N GLN A 157 3.40 -11.06 -6.78
CA GLN A 157 4.28 -11.93 -7.57
C GLN A 157 4.30 -11.48 -9.02
N GLU A 158 3.12 -11.11 -9.58
CA GLU A 158 3.10 -10.61 -10.97
C GLU A 158 3.96 -9.34 -11.09
N ALA A 159 3.85 -8.45 -10.11
CA ALA A 159 4.67 -7.24 -10.14
C ALA A 159 6.15 -7.57 -10.05
N MET A 160 6.51 -8.51 -9.16
CA MET A 160 7.93 -8.89 -8.99
C MET A 160 8.44 -9.42 -10.33
N ASP A 161 7.65 -10.29 -11.00
CA ASP A 161 8.23 -10.89 -12.20
C ASP A 161 8.51 -9.80 -13.24
N ILE A 162 7.58 -8.85 -13.45
CA ILE A 162 7.83 -7.75 -14.39
C ILE A 162 9.02 -6.91 -13.97
N SER A 163 9.08 -6.55 -12.67
CA SER A 163 10.15 -5.64 -12.19
C SER A 163 11.54 -6.23 -12.43
N LYS A 164 11.66 -7.53 -12.25
CA LYS A 164 12.99 -8.15 -12.36
C LYS A 164 13.43 -8.22 -13.83
N LYS A 165 12.48 -8.30 -14.73
CA LYS A 165 12.83 -8.37 -16.15
C LYS A 165 12.97 -6.98 -16.78
N GLU A 166 12.26 -5.97 -16.25
CA GLU A 166 12.17 -4.72 -16.97
C GLU A 166 12.84 -3.54 -16.28
N MET A 167 13.18 -3.62 -14.99
CA MET A 167 13.75 -2.46 -14.28
C MET A 167 15.10 -2.79 -13.65
N PRO A 168 15.98 -1.78 -13.46
CA PRO A 168 17.23 -2.02 -12.76
C PRO A 168 16.95 -2.26 -11.29
N PRO A 169 17.89 -2.94 -10.59
CA PRO A 169 17.67 -3.27 -9.19
C PRO A 169 17.58 -2.11 -8.24
N THR A 170 17.95 -0.88 -8.71
CA THR A 170 17.87 0.31 -7.88
C THR A 170 16.60 1.12 -8.16
N ASN A 171 15.78 0.69 -9.15
CA ASN A 171 14.57 1.48 -9.44
C ASN A 171 13.69 1.60 -8.18
N PRO A 172 13.26 2.81 -7.76
CA PRO A 172 12.49 3.00 -6.54
C PRO A 172 11.19 2.18 -6.48
N ILE A 173 10.50 2.04 -7.62
CA ILE A 173 9.26 1.26 -7.62
C ILE A 173 9.59 -0.21 -7.38
N ARG A 174 10.65 -0.71 -8.07
CA ARG A 174 11.09 -2.09 -7.83
C ARG A 174 11.46 -2.29 -6.36
N LEU A 175 12.21 -1.36 -5.76
CA LEU A 175 12.61 -1.45 -4.37
C LEU A 175 11.42 -1.39 -3.41
N GLY A 176 10.53 -0.44 -3.66
CA GLY A 176 9.34 -0.35 -2.81
C GLY A 176 8.43 -1.59 -2.89
N LEU A 177 8.31 -2.15 -4.09
CA LEU A 177 7.55 -3.41 -4.20
C LEU A 177 8.20 -4.50 -3.36
N ALA A 178 9.52 -4.67 -3.53
CA ALA A 178 10.16 -5.75 -2.78
C ALA A 178 10.05 -5.50 -1.26
N LEU A 179 10.23 -4.26 -0.79
CA LEU A 179 9.98 -3.95 0.61
C LEU A 179 8.58 -4.41 1.04
N ASN A 180 7.54 -3.98 0.31
CA ASN A 180 6.20 -4.33 0.79
C ASN A 180 5.90 -5.83 0.65
N PHE A 181 6.46 -6.52 -0.37
CA PHE A 181 6.24 -7.98 -0.44
C PHE A 181 6.93 -8.65 0.75
N SER A 182 8.13 -8.14 1.13
CA SER A 182 8.79 -8.74 2.31
C SER A 182 7.95 -8.51 3.58
N VAL A 183 7.27 -7.36 3.70
CA VAL A 183 6.35 -7.10 4.83
C VAL A 183 5.18 -8.08 4.75
N PHE A 184 4.61 -8.28 3.54
CA PHE A 184 3.58 -9.31 3.40
C PHE A 184 4.03 -10.65 3.98
N HIS A 185 5.24 -11.08 3.57
CA HIS A 185 5.67 -12.40 3.99
C HIS A 185 5.79 -12.48 5.50
N TYR A 186 6.35 -11.43 6.13
CA TYR A 186 6.59 -11.49 7.58
C TYR A 186 5.30 -11.30 8.38
N GLU A 187 4.48 -10.31 7.97
CA GLU A 187 3.36 -9.90 8.84
C GLU A 187 2.07 -10.61 8.48
N ILE A 188 1.91 -11.12 7.28
CA ILE A 188 0.63 -11.72 6.84
C ILE A 188 0.74 -13.21 6.61
N ALA A 189 1.82 -13.64 5.88
CA ALA A 189 1.91 -15.00 5.38
C ALA A 189 2.67 -15.96 6.31
N ASN A 190 3.02 -15.49 7.51
CA ASN A 190 3.74 -16.34 8.46
C ASN A 190 4.96 -16.99 7.81
N SER A 191 5.74 -16.18 7.06
CA SER A 191 6.89 -16.67 6.32
C SER A 191 8.06 -15.73 6.62
N PRO A 192 8.56 -15.65 7.87
CA PRO A 192 9.66 -14.73 8.18
C PRO A 192 10.93 -15.07 7.41
N GLU A 193 11.20 -16.33 7.17
CA GLU A 193 12.41 -16.66 6.43
C GLU A 193 12.35 -16.14 4.99
N GLU A 194 11.19 -16.26 4.33
CA GLU A 194 11.04 -15.71 2.97
C GLU A 194 11.20 -14.19 3.02
N ALA A 195 10.64 -13.54 4.06
CA ALA A 195 10.80 -12.09 4.22
C ALA A 195 12.26 -11.64 4.30
N ILE A 196 13.02 -12.35 5.15
CA ILE A 196 14.44 -12.00 5.37
C ILE A 196 15.21 -12.25 4.08
N SER A 197 14.97 -13.38 3.43
CA SER A 197 15.69 -13.69 2.17
C SER A 197 15.42 -12.62 1.11
N LEU A 198 14.15 -12.27 0.93
CA LEU A 198 13.82 -11.25 -0.05
C LEU A 198 14.48 -9.94 0.31
N ALA A 199 14.40 -9.52 1.59
CA ALA A 199 14.97 -8.21 1.90
C ALA A 199 16.50 -8.21 1.71
N LYS A 200 17.16 -9.32 2.06
CA LYS A 200 18.61 -9.38 1.91
C LYS A 200 19.01 -9.36 0.44
N THR A 201 18.40 -10.22 -0.39
CA THR A 201 18.76 -10.28 -1.80
C THR A 201 18.48 -8.92 -2.47
N THR A 202 17.33 -8.30 -2.13
CA THR A 202 17.01 -7.00 -2.72
C THR A 202 18.07 -5.97 -2.36
N PHE A 203 18.45 -5.93 -1.07
CA PHE A 203 19.42 -4.91 -0.65
C PHE A 203 20.77 -5.12 -1.35
N ASP A 204 21.22 -6.36 -1.42
CA ASP A 204 22.55 -6.68 -2.00
C ASP A 204 22.58 -6.33 -3.49
N GLU A 205 21.51 -6.60 -4.26
CA GLU A 205 21.51 -6.37 -5.68
C GLU A 205 21.44 -4.86 -5.94
N ALA A 206 20.70 -4.13 -5.09
CA ALA A 206 20.69 -2.67 -5.25
C ALA A 206 22.06 -2.05 -4.95
N MET A 207 22.70 -2.49 -3.87
CA MET A 207 24.03 -1.96 -3.50
C MET A 207 24.99 -2.08 -4.69
N ALA A 208 24.94 -3.22 -5.36
CA ALA A 208 25.84 -3.49 -6.47
C ALA A 208 25.57 -2.63 -7.68
N ASP A 209 24.39 -1.98 -7.75
CA ASP A 209 24.02 -1.18 -8.92
C ASP A 209 24.06 0.33 -8.66
N LEU A 210 24.38 0.72 -7.41
CA LEU A 210 24.38 2.13 -7.05
C LEU A 210 25.39 2.95 -7.88
N HIS A 211 26.46 2.29 -8.34
CA HIS A 211 27.54 3.00 -9.03
C HIS A 211 27.08 3.58 -10.36
N THR A 212 25.91 3.13 -10.83
CA THR A 212 25.42 3.53 -12.15
C THR A 212 24.60 4.82 -12.07
N LEU A 213 24.34 5.30 -10.86
CA LEU A 213 23.35 6.34 -10.63
C LEU A 213 23.93 7.74 -10.52
N SER A 214 23.09 8.72 -10.86
CA SER A 214 23.38 10.10 -10.55
C SER A 214 23.21 10.36 -9.06
N GLU A 215 23.73 11.51 -8.58
CA GLU A 215 23.60 11.86 -7.17
C GLU A 215 22.14 11.85 -6.72
N ASP A 216 21.23 12.33 -7.59
CA ASP A 216 19.85 12.45 -7.12
C ASP A 216 19.16 11.08 -7.09
N SER A 217 19.48 10.21 -8.05
CA SER A 217 18.90 8.87 -8.10
C SER A 217 19.47 8.06 -6.94
N TYR A 218 20.75 8.30 -6.64
CA TYR A 218 21.35 7.59 -5.54
C TYR A 218 20.60 7.89 -4.25
N LYS A 219 20.26 9.15 -4.06
CA LYS A 219 19.59 9.49 -2.79
C LYS A 219 18.25 8.78 -2.70
N ASP A 220 17.52 8.71 -3.82
CA ASP A 220 16.23 8.03 -3.82
C ASP A 220 16.34 6.54 -3.49
N SER A 221 17.26 5.82 -4.15
CA SER A 221 17.40 4.39 -3.96
C SER A 221 17.88 4.07 -2.52
N THR A 222 18.82 4.87 -1.97
CA THR A 222 19.39 4.54 -0.68
C THR A 222 18.36 4.76 0.43
N LEU A 223 17.42 5.70 0.23
CA LEU A 223 16.33 5.85 1.19
C LEU A 223 15.56 4.53 1.39
N ILE A 224 15.17 3.87 0.31
CA ILE A 224 14.39 2.64 0.47
C ILE A 224 15.25 1.50 0.98
N MET A 225 16.53 1.48 0.53
CA MET A 225 17.43 0.46 1.03
C MET A 225 17.59 0.54 2.54
N GLN A 226 17.59 1.75 3.13
CA GLN A 226 17.63 1.87 4.57
C GLN A 226 16.42 1.24 5.26
N LEU A 227 15.25 1.32 4.61
CA LEU A 227 14.07 0.63 5.14
C LEU A 227 14.18 -0.90 5.13
N LEU A 228 14.78 -1.45 4.06
CA LEU A 228 15.02 -2.87 4.06
C LEU A 228 15.94 -3.27 5.20
N ARG A 229 17.01 -2.47 5.42
CA ARG A 229 17.93 -2.74 6.53
C ARG A 229 17.28 -2.57 7.90
N ASP A 230 16.43 -1.60 8.05
CA ASP A 230 15.71 -1.42 9.33
C ASP A 230 14.86 -2.65 9.62
N ASN A 231 14.23 -3.23 8.56
CA ASN A 231 13.41 -4.41 8.80
C ASN A 231 14.29 -5.62 9.15
N LEU A 232 15.42 -5.77 8.42
CA LEU A 232 16.31 -6.90 8.73
C LEU A 232 16.83 -6.83 10.17
N THR A 233 17.06 -5.59 10.63
CA THR A 233 17.50 -5.38 12.01
C THR A 233 16.39 -5.81 12.99
N LEU A 234 15.14 -5.47 12.62
CA LEU A 234 13.98 -5.81 13.43
C LEU A 234 13.74 -7.31 13.43
N TRP A 235 13.97 -7.99 12.29
CA TRP A 235 13.58 -9.39 12.13
C TRP A 235 14.68 -10.36 12.57
N THR A 236 15.91 -9.85 12.74
CA THR A 236 17.05 -10.73 13.05
C THR A 236 17.75 -10.26 14.31
N ILE B 2 7.48 -2.23 16.71
CA ILE B 2 6.67 -3.49 16.77
C ILE B 2 6.39 -3.94 15.33
N ARG B 3 5.79 -3.09 14.50
CA ARG B 3 5.42 -3.60 13.16
C ARG B 3 6.48 -3.24 12.12
N SER B 4 6.62 -4.13 11.14
CA SER B 4 7.57 -3.90 10.06
C SER B 4 7.26 -2.59 9.32
N THR B 5 8.30 -1.96 8.73
CA THR B 5 8.09 -0.74 7.95
C THR B 5 7.81 -1.06 6.49
N SEP B 6 6.70 -0.50 5.96
CA SEP B 6 6.39 -0.57 4.56
CB SEP B 6 4.95 -1.00 4.35
OG SEP B 6 4.14 0.02 4.91
C SEP B 6 6.74 0.75 3.86
O SEP B 6 7.27 1.69 4.50
P SEP B 6 2.54 -0.26 4.96
O1P SEP B 6 2.01 1.07 5.53
O2P SEP B 6 2.08 -0.49 3.55
O3P SEP B 6 2.33 -1.45 5.83
N THR B 7 6.48 0.80 2.53
CA THR B 7 6.89 2.00 1.81
C THR B 7 6.18 3.20 2.44
N PRO B 8 6.97 4.33 2.54
CA PRO B 8 6.30 5.57 3.01
C PRO B 8 5.76 6.43 1.87
N ASN B 9 5.01 7.51 2.22
CA ASN B 9 4.66 8.55 1.27
C ASN B 9 5.84 9.44 0.90
N VAL B 10 6.08 9.58 -0.38
CA VAL B 10 7.23 10.40 -0.84
C VAL B 10 6.78 11.20 -2.08
CL CL C . -20.75 2.18 16.12
MG MG D . -16.44 -7.27 9.91
MG MG E . -14.98 -7.28 38.31
MG MG F . -12.47 18.12 -20.31
C1 WQN G . 5.72 6.43 -10.68
C10 WQN G . 8.99 5.08 -2.18
C11 WQN G . 9.36 4.41 -3.33
C12 WQN G . 8.37 3.87 -4.15
C13 WQN G . 4.46 5.76 -4.79
C14 WQN G . 3.81 6.81 -5.66
C2 WQN G . 6.85 7.27 -11.29
C3 WQN G . 4.45 6.13 -8.48
C4 WQN G . 5.39 6.60 -7.33
C5 WQN G . 6.27 7.40 -8.36
C6 WQN G . 6.15 5.54 -6.53
C7 WQN G . 7.03 4.04 -3.82
C8 WQN G . 6.69 4.72 -2.65
C9 WQN G . 7.67 5.24 -1.85
N1 WQN G . 5.52 6.62 -9.36
N2 WQN G . 5.19 4.81 -5.67
O1 WQN G . 4.94 5.77 -11.38
O2 WQN G . 6.34 2.63 -5.91
O3 WQN G . 4.69 2.98 -4.05
O4 WQN G . 4.80 7.51 -6.42
S1 WQN G . 5.75 3.47 -4.87
BR1 WQN G . 10.30 5.80 -1.00
#